data_4HW7
#
_entry.id   4HW7
#
_cell.length_a   62.964
_cell.length_b   62.964
_cell.length_c   182.780
_cell.angle_alpha   90.00
_cell.angle_beta   90.00
_cell.angle_gamma   90.00
#
_symmetry.space_group_name_H-M   'P 43 21 2'
#
loop_
_entity.id
_entity.type
_entity.pdbx_description
1 polymer 'Macrophage colony-stimulating factor 1 receptor'
2 non-polymer 5-[(5-methoxy-1H-pyrrolo[2,3-b]pyridin-3-yl)methyl]-N-[4-(trifluoromethyl)benzyl]pyridin-2-amine
#
_entity_poly.entity_id   1
_entity_poly.type   'polypeptide(L)'
_entity_poly.pdbx_seq_one_letter_code
;MKKGHHHHHHGQKPKYQVRWKIIESYEGNSYTFIDPTQLPYNEKWEFPRNNLQFGKTLGAGAFGKVVEATAFGLGKEDAV
LKVAVKMLKSTAHADEKEALMSELKIMSHLGQHENIVNLLGACTHGGPVLVITEYCTYGDLLNFLRRKAEAMLGPSLSPG
QDPEGLDKEDGRPLELRDLLHFSSQVAQGMAFLASKNCIHRDVAARNVLLTNGHVAKIGDFGLARDIMNDSNYIVKGNAR
LPVKWMAPESIFDSVYTVQSDVWSYGILLWEIFSLGLNPYPGILVNSKFYKLVKDGYQMAQPAFAPKNIYSIMQACWALE
PTHRPTFQQITSFLQEQAQEDRR
;
_entity_poly.pdbx_strand_id   A
#
loop_
_chem_comp.id
_chem_comp.type
_chem_comp.name
_chem_comp.formula
64M non-polymer 5-[(5-methoxy-1H-pyrrolo[2,3-b]pyridin-3-yl)methyl]-N-[4-(trifluoromethyl)benzyl]pyridin-2-amine 'C22 H19 F3 N4 O'
#
# COMPACT_ATOMS: atom_id res chain seq x y z
N PRO A 36 5.53 13.78 -15.44
CA PRO A 36 4.79 12.52 -15.30
C PRO A 36 5.54 11.34 -15.92
N THR A 37 6.13 11.57 -17.09
CA THR A 37 6.95 10.58 -17.76
C THR A 37 8.29 11.20 -18.05
N GLN A 38 8.33 12.52 -17.94
CA GLN A 38 9.50 13.29 -18.36
C GLN A 38 10.42 13.64 -17.20
N LEU A 39 10.22 12.98 -16.06
CA LEU A 39 11.13 13.15 -14.93
C LEU A 39 12.46 12.50 -15.29
N PRO A 40 13.55 12.91 -14.64
CA PRO A 40 14.84 12.30 -14.95
C PRO A 40 15.17 11.18 -13.98
N TYR A 41 15.68 10.07 -14.48
CA TYR A 41 16.26 9.08 -13.58
C TYR A 41 17.68 9.51 -13.28
N ASN A 42 17.92 9.84 -12.02
CA ASN A 42 19.28 10.11 -11.59
C ASN A 42 20.01 8.80 -11.41
N GLU A 43 21.32 8.83 -11.66
CA GLU A 43 22.11 7.62 -11.63
C GLU A 43 22.82 7.44 -10.30
N LYS A 44 22.48 8.28 -9.33
CA LYS A 44 22.96 8.07 -7.96
C LYS A 44 22.46 6.71 -7.49
N TRP A 45 21.27 6.34 -7.95
CA TRP A 45 20.63 5.11 -7.56
C TRP A 45 21.21 3.87 -8.23
N GLU A 46 21.97 4.07 -9.30
CA GLU A 46 22.44 2.96 -10.11
C GLU A 46 23.25 1.97 -9.29
N PHE A 47 22.90 0.69 -9.41
CA PHE A 47 23.54 -0.39 -8.66
C PHE A 47 23.89 -1.54 -9.61
N PRO A 48 24.98 -2.27 -9.32
CA PRO A 48 25.43 -3.38 -10.16
C PRO A 48 24.60 -4.64 -9.93
N ARG A 49 23.94 -5.12 -10.99
CA ARG A 49 23.07 -6.29 -10.87
C ARG A 49 23.84 -7.54 -10.48
N ASN A 50 25.15 -7.51 -10.68
CA ASN A 50 26.01 -8.63 -10.33
C ASN A 50 26.36 -8.59 -8.86
N ASN A 51 25.95 -7.53 -8.20
CA ASN A 51 26.03 -7.44 -6.76
C ASN A 51 24.68 -7.73 -6.13
N LEU A 52 23.88 -8.54 -6.82
CA LEU A 52 22.62 -9.01 -6.25
C LEU A 52 22.52 -10.53 -6.29
N GLN A 53 22.26 -11.14 -5.14
CA GLN A 53 22.01 -12.58 -5.07
C GLN A 53 20.57 -12.83 -4.68
N PHE A 54 19.79 -13.35 -5.62
CA PHE A 54 18.35 -13.49 -5.46
C PHE A 54 17.92 -14.67 -4.61
N GLY A 55 16.93 -14.42 -3.75
CA GLY A 55 16.33 -15.46 -2.94
C GLY A 55 15.01 -15.94 -3.50
N LYS A 56 14.03 -16.14 -2.62
CA LYS A 56 12.72 -16.62 -3.03
C LYS A 56 11.84 -15.48 -3.52
N THR A 57 10.89 -15.82 -4.40
CA THR A 57 9.93 -14.84 -4.89
C THR A 57 8.92 -14.52 -3.80
N LEU A 58 8.76 -13.23 -3.50
CA LEU A 58 7.89 -12.78 -2.43
C LEU A 58 6.45 -12.58 -2.90
N GLY A 59 6.29 -12.28 -4.18
CA GLY A 59 4.99 -12.10 -4.78
C GLY A 59 5.11 -11.98 -6.28
N ALA A 60 4.13 -12.48 -7.02
CA ALA A 60 4.20 -12.42 -8.47
C ALA A 60 2.86 -12.18 -9.15
N GLY A 61 2.82 -11.17 -10.00
CA GLY A 61 1.63 -10.86 -10.78
C GLY A 61 1.72 -11.48 -12.15
N ALA A 62 0.95 -10.93 -13.09
CA ALA A 62 0.97 -11.45 -14.45
C ALA A 62 2.28 -11.09 -15.14
N PHE A 63 2.67 -9.84 -15.00
CA PHE A 63 3.78 -9.32 -15.77
C PHE A 63 4.93 -8.82 -14.89
N GLY A 64 4.83 -9.06 -13.60
CA GLY A 64 5.86 -8.63 -12.68
C GLY A 64 5.97 -9.56 -11.49
N LYS A 65 6.99 -9.32 -10.67
CA LYS A 65 7.18 -10.07 -9.45
C LYS A 65 8.09 -9.29 -8.53
N VAL A 66 8.00 -9.59 -7.25
CA VAL A 66 8.95 -9.08 -6.27
C VAL A 66 9.71 -10.27 -5.70
N VAL A 67 11.04 -10.20 -5.78
CA VAL A 67 11.92 -11.29 -5.36
C VAL A 67 12.82 -10.79 -4.22
N GLU A 68 13.06 -11.62 -3.21
CA GLU A 68 14.02 -11.21 -2.20
C GLU A 68 15.45 -11.41 -2.70
N ALA A 69 16.36 -10.52 -2.30
CA ALA A 69 17.73 -10.58 -2.76
C ALA A 69 18.69 -10.08 -1.70
N THR A 70 19.96 -10.43 -1.84
CA THR A 70 21.01 -9.89 -0.98
C THR A 70 21.93 -8.98 -1.79
N ALA A 71 22.00 -7.71 -1.39
CA ALA A 71 22.82 -6.73 -2.07
C ALA A 71 24.14 -6.46 -1.34
N PHE A 72 25.22 -6.30 -2.09
CA PHE A 72 26.54 -6.17 -1.52
C PHE A 72 27.19 -4.83 -1.83
N GLY A 73 27.39 -4.03 -0.79
CA GLY A 73 28.03 -2.73 -0.94
C GLY A 73 27.00 -1.71 -1.32
N LEU A 74 25.82 -1.85 -0.76
CA LEU A 74 24.68 -1.02 -1.12
C LEU A 74 24.59 0.19 -0.22
N GLY A 75 24.70 1.37 -0.82
CA GLY A 75 24.58 2.62 -0.09
C GLY A 75 25.92 3.23 0.28
N LYS A 76 25.85 4.32 1.03
CA LYS A 76 27.05 4.99 1.54
C LYS A 76 27.96 4.03 2.26
N GLU A 77 27.43 3.42 3.32
CA GLU A 77 28.21 2.59 4.21
C GLU A 77 28.53 1.18 3.69
N ASP A 78 28.29 0.96 2.40
CA ASP A 78 28.57 -0.32 1.76
C ASP A 78 27.94 -1.48 2.54
N ALA A 79 26.68 -1.29 2.91
CA ALA A 79 25.93 -2.27 3.69
C ALA A 79 25.69 -3.55 2.89
N VAL A 80 25.58 -4.66 3.59
CA VAL A 80 25.19 -5.92 2.97
C VAL A 80 23.88 -6.36 3.60
N LEU A 81 22.78 -6.21 2.88
CA LEU A 81 21.49 -6.49 3.47
C LEU A 81 20.53 -7.21 2.54
N LYS A 82 19.41 -7.65 3.09
CA LYS A 82 18.35 -8.27 2.32
C LYS A 82 17.47 -7.19 1.72
N VAL A 83 17.26 -7.25 0.41
CA VAL A 83 16.39 -6.30 -0.26
C VAL A 83 15.23 -6.98 -0.95
N ALA A 84 14.23 -6.18 -1.30
CA ALA A 84 13.14 -6.62 -2.12
C ALA A 84 13.39 -6.02 -3.49
N VAL A 85 13.42 -6.85 -4.51
CA VAL A 85 13.68 -6.36 -5.86
C VAL A 85 12.45 -6.50 -6.72
N LYS A 86 12.04 -5.40 -7.35
CA LYS A 86 10.85 -5.41 -8.18
C LYS A 86 11.25 -5.45 -9.64
N MET A 87 10.70 -6.39 -10.38
CA MET A 87 11.14 -6.60 -11.76
C MET A 87 10.02 -7.14 -12.63
N LEU A 88 10.21 -7.03 -13.94
CA LEU A 88 9.28 -7.58 -14.91
C LEU A 88 9.60 -9.03 -15.20
N LYS A 89 8.61 -9.75 -15.72
CA LYS A 89 8.86 -11.11 -16.17
C LYS A 89 9.16 -11.12 -17.66
N SER A 90 9.29 -12.31 -18.24
CA SER A 90 9.62 -12.43 -19.66
C SER A 90 8.39 -12.09 -20.50
N THR A 91 7.22 -12.28 -19.89
CA THR A 91 5.95 -12.01 -20.53
C THR A 91 5.70 -10.52 -20.73
N ALA A 92 6.34 -9.69 -19.91
CA ALA A 92 6.14 -8.25 -20.00
C ALA A 92 6.65 -7.67 -21.31
N HIS A 93 5.99 -6.59 -21.76
CA HIS A 93 6.37 -5.91 -22.99
C HIS A 93 6.64 -4.43 -22.71
N ALA A 94 7.02 -3.69 -23.75
CA ALA A 94 7.49 -2.31 -23.60
C ALA A 94 6.56 -1.41 -22.76
N ASP A 95 5.27 -1.74 -22.79
CA ASP A 95 4.28 -1.04 -22.01
C ASP A 95 4.56 -1.18 -20.52
N GLU A 96 4.84 -2.40 -20.09
CA GLU A 96 5.18 -2.68 -18.70
C GLU A 96 6.52 -2.06 -18.32
N LYS A 97 7.46 -2.06 -19.27
CA LYS A 97 8.78 -1.51 -19.02
C LYS A 97 8.70 -0.05 -18.69
N GLU A 98 7.82 0.67 -19.39
CA GLU A 98 7.67 2.10 -19.21
C GLU A 98 7.12 2.41 -17.82
N ALA A 99 6.15 1.61 -17.39
CA ALA A 99 5.51 1.80 -16.09
C ALA A 99 6.49 1.62 -14.94
N LEU A 100 7.29 0.56 -15.00
CA LEU A 100 8.26 0.29 -13.95
C LEU A 100 9.24 1.45 -13.87
N MET A 101 9.71 1.92 -15.02
CA MET A 101 10.63 3.05 -15.07
C MET A 101 10.03 4.31 -14.46
N SER A 102 8.78 4.58 -14.79
CA SER A 102 8.08 5.78 -14.31
C SER A 102 7.93 5.75 -12.81
N GLU A 103 7.55 4.58 -12.31
CA GLU A 103 7.44 4.32 -10.89
C GLU A 103 8.76 4.60 -10.20
N LEU A 104 9.85 4.14 -10.83
CA LEU A 104 11.20 4.40 -10.35
C LEU A 104 11.52 5.90 -10.31
N LYS A 105 11.16 6.60 -11.37
CA LYS A 105 11.39 8.04 -11.44
C LYS A 105 10.68 8.75 -10.29
N ILE A 106 9.47 8.30 -9.98
CA ILE A 106 8.68 8.91 -8.92
C ILE A 106 9.30 8.68 -7.54
N MET A 107 9.65 7.44 -7.25
CA MET A 107 10.28 7.08 -5.98
C MET A 107 11.54 7.91 -5.73
N SER A 108 12.26 8.21 -6.80
CA SER A 108 13.42 9.09 -6.73
C SER A 108 13.00 10.50 -6.39
N HIS A 109 11.92 10.95 -7.02
CA HIS A 109 11.43 12.30 -6.85
C HIS A 109 10.97 12.52 -5.42
N LEU A 110 10.11 11.63 -4.95
CA LEU A 110 9.42 11.75 -3.65
C LEU A 110 10.32 12.12 -2.47
N GLY A 111 11.40 11.37 -2.30
CA GLY A 111 12.22 11.50 -1.11
C GLY A 111 11.99 10.31 -0.21
N GLN A 112 12.56 10.34 0.98
CA GLN A 112 12.47 9.20 1.89
C GLN A 112 11.69 9.50 3.16
N HIS A 113 10.91 8.53 3.59
CA HIS A 113 10.22 8.62 4.86
C HIS A 113 10.12 7.25 5.53
N GLU A 114 10.25 7.25 6.84
CA GLU A 114 10.24 6.03 7.63
C GLU A 114 9.01 5.13 7.35
N ASN A 115 7.89 5.74 7.00
CA ASN A 115 6.65 4.99 6.84
C ASN A 115 6.15 4.81 5.42
N ILE A 116 7.08 4.83 4.47
CA ILE A 116 6.80 4.35 3.13
C ILE A 116 7.85 3.30 2.82
N VAL A 117 7.64 2.55 1.75
CA VAL A 117 8.63 1.60 1.28
C VAL A 117 9.65 2.36 0.43
N ASN A 118 10.86 2.53 0.97
CA ASN A 118 11.86 3.38 0.31
C ASN A 118 12.64 2.73 -0.83
N LEU A 119 13.07 3.57 -1.77
CA LEU A 119 13.92 3.15 -2.88
C LEU A 119 15.36 3.14 -2.42
N LEU A 120 16.02 2.00 -2.60
CA LEU A 120 17.41 1.86 -2.19
C LEU A 120 18.37 2.00 -3.36
N GLY A 121 17.95 1.50 -4.52
CA GLY A 121 18.77 1.57 -5.72
C GLY A 121 18.05 1.00 -6.91
N ALA A 122 18.68 1.05 -8.07
CA ALA A 122 18.05 0.58 -9.30
C ALA A 122 19.09 0.11 -10.32
N CYS A 123 18.72 -0.89 -11.11
CA CYS A 123 19.59 -1.37 -12.19
C CYS A 123 18.96 -1.04 -13.53
N THR A 124 19.51 -0.06 -14.23
CA THR A 124 18.94 0.35 -15.51
C THR A 124 19.81 -0.05 -16.69
N HIS A 125 21.12 -0.18 -16.46
CA HIS A 125 22.03 -0.52 -17.55
C HIS A 125 22.29 -2.02 -17.59
N GLY A 126 22.52 -2.52 -18.80
CA GLY A 126 22.99 -3.87 -19.01
C GLY A 126 22.00 -4.97 -18.71
N GLY A 127 20.72 -4.65 -18.80
CA GLY A 127 19.70 -5.66 -18.59
C GLY A 127 18.35 -5.09 -18.24
N PRO A 128 17.44 -5.94 -17.77
CA PRO A 128 16.08 -5.57 -17.41
C PRO A 128 16.10 -4.59 -16.25
N VAL A 129 15.11 -3.71 -16.21
CA VAL A 129 15.02 -2.77 -15.11
C VAL A 129 14.74 -3.50 -13.81
N LEU A 130 15.61 -3.30 -12.83
CA LEU A 130 15.43 -3.84 -11.50
C LEU A 130 15.28 -2.70 -10.53
N VAL A 131 14.26 -2.78 -9.66
CA VAL A 131 14.02 -1.75 -8.67
C VAL A 131 14.29 -2.27 -7.27
N ILE A 132 15.25 -1.68 -6.58
CA ILE A 132 15.71 -2.19 -5.29
C ILE A 132 15.11 -1.39 -4.14
N THR A 133 14.27 -2.03 -3.35
CA THR A 133 13.58 -1.36 -2.26
C THR A 133 13.85 -2.04 -0.92
N GLU A 134 13.36 -1.42 0.15
CA GLU A 134 13.50 -1.97 1.49
C GLU A 134 12.74 -3.29 1.61
N TYR A 135 13.34 -4.26 2.30
CA TYR A 135 12.70 -5.54 2.55
C TYR A 135 12.01 -5.54 3.91
N CYS A 136 10.74 -5.92 3.89
CA CYS A 136 9.93 -5.88 5.10
C CYS A 136 9.60 -7.30 5.56
N THR A 137 10.32 -7.70 6.60
CA THR A 137 10.28 -9.04 7.17
C THR A 137 8.90 -9.69 7.32
N TYR A 138 7.88 -8.91 7.69
CA TYR A 138 6.57 -9.50 8.00
C TYR A 138 5.56 -9.43 6.87
N GLY A 139 5.99 -8.96 5.70
CA GLY A 139 5.12 -8.91 4.54
C GLY A 139 4.02 -7.88 4.71
N ASP A 140 2.96 -8.01 3.93
CA ASP A 140 1.88 -7.04 3.96
C ASP A 140 1.12 -7.15 5.28
N LEU A 141 0.41 -6.08 5.62
CA LEU A 141 -0.28 -5.96 6.89
C LEU A 141 -1.50 -6.87 6.97
N LEU A 142 -2.14 -7.07 5.82
CA LEU A 142 -3.40 -7.82 5.75
C LEU A 142 -3.26 -9.27 6.19
N ASN A 143 -2.26 -9.96 5.67
CA ASN A 143 -2.01 -11.34 6.08
C ASN A 143 -1.50 -11.39 7.49
N PHE A 144 -0.62 -10.45 7.84
CA PHE A 144 -0.10 -10.41 9.18
C PHE A 144 -1.23 -10.28 10.20
N LEU A 145 -2.20 -9.41 9.91
CA LEU A 145 -3.37 -9.29 10.77
C LEU A 145 -4.17 -10.59 10.78
N ARG A 146 -4.41 -11.15 9.59
CA ARG A 146 -5.19 -12.38 9.47
C ARG A 146 -4.53 -13.60 10.12
N ARG A 147 -3.23 -13.75 9.93
CA ARG A 147 -2.51 -14.87 10.55
C ARG A 147 -2.31 -14.66 12.05
N LYS A 148 -2.18 -13.41 12.48
CA LYS A 148 -2.07 -13.11 13.90
C LYS A 148 -3.36 -13.49 14.62
N ALA A 149 -4.49 -13.07 14.06
CA ALA A 149 -5.81 -13.39 14.61
C ALA A 149 -6.03 -14.90 14.80
N GLU A 150 -5.58 -15.68 13.83
CA GLU A 150 -5.70 -17.13 13.91
C GLU A 150 -4.85 -17.66 15.06
N ALA A 151 -3.70 -17.05 15.28
CA ALA A 151 -2.79 -17.50 16.33
C ALA A 151 -3.39 -17.25 17.70
N MET A 152 -4.08 -16.13 17.84
CA MET A 152 -4.67 -15.76 19.11
C MET A 152 -5.87 -16.64 19.43
N LEU A 153 -6.63 -17.00 18.41
CA LEU A 153 -7.75 -17.93 18.57
C LEU A 153 -7.25 -19.33 18.95
N GLY A 154 -6.03 -19.62 18.52
CA GLY A 154 -5.41 -20.94 18.64
C GLY A 154 -5.71 -21.82 19.83
N PRO A 155 -5.37 -21.36 21.05
CA PRO A 155 -5.54 -22.06 22.33
C PRO A 155 -6.86 -22.84 22.48
N SER A 156 -7.95 -22.31 21.96
CA SER A 156 -9.26 -22.94 22.15
C SER A 156 -9.71 -23.70 20.91
N GLY A 171 5.18 -14.79 17.47
CA GLY A 171 5.48 -13.93 18.59
C GLY A 171 4.36 -13.85 19.60
N ARG A 172 4.23 -12.71 20.25
CA ARG A 172 3.19 -12.47 21.25
C ARG A 172 1.91 -11.95 20.60
N PRO A 173 0.77 -11.95 21.33
CA PRO A 173 -0.50 -11.50 20.76
C PRO A 173 -0.59 -9.99 20.57
N LEU A 174 -1.47 -9.56 19.67
CA LEU A 174 -1.72 -8.14 19.45
C LEU A 174 -2.56 -7.54 20.56
N GLU A 175 -2.35 -6.26 20.82
CA GLU A 175 -3.19 -5.50 21.72
C GLU A 175 -3.65 -4.26 20.98
N LEU A 176 -4.63 -3.56 21.53
CA LEU A 176 -5.22 -2.39 20.87
C LEU A 176 -4.18 -1.34 20.51
N ARG A 177 -3.18 -1.18 21.37
CA ARG A 177 -2.08 -0.26 21.11
C ARG A 177 -1.43 -0.55 19.76
N ASP A 178 -1.26 -1.83 19.44
CA ASP A 178 -0.61 -2.26 18.20
C ASP A 178 -1.33 -1.78 16.94
N LEU A 179 -2.66 -1.84 16.97
CA LEU A 179 -3.46 -1.39 15.83
C LEU A 179 -3.41 0.13 15.70
N LEU A 180 -3.42 0.81 16.84
CA LEU A 180 -3.31 2.26 16.85
C LEU A 180 -1.99 2.70 16.22
N HIS A 181 -0.91 2.05 16.64
CA HIS A 181 0.42 2.33 16.10
C HIS A 181 0.48 2.09 14.59
N PHE A 182 0.03 0.93 14.14
CA PHE A 182 -0.05 0.61 12.73
C PHE A 182 -0.80 1.71 11.98
N SER A 183 -2.05 1.94 12.37
CA SER A 183 -2.89 3.00 11.81
C SER A 183 -2.20 4.36 11.80
N SER A 184 -1.66 4.75 12.96
CA SER A 184 -0.89 5.98 13.08
C SER A 184 0.19 6.08 12.01
N GLN A 185 1.00 5.02 11.88
CA GLN A 185 2.17 5.03 11.00
C GLN A 185 1.86 5.20 9.53
N VAL A 186 0.84 4.51 9.04
CA VAL A 186 0.42 4.66 7.66
C VAL A 186 -0.10 6.08 7.43
N ALA A 187 -0.63 6.72 8.46
CA ALA A 187 -1.06 8.10 8.34
C ALA A 187 0.14 9.05 8.14
N GLN A 188 1.20 8.83 8.91
CA GLN A 188 2.41 9.60 8.79
C GLN A 188 2.98 9.44 7.39
N GLY A 189 2.92 8.20 6.90
CA GLY A 189 3.39 7.87 5.57
C GLY A 189 2.56 8.54 4.49
N MET A 190 1.25 8.42 4.59
CA MET A 190 0.36 9.03 3.61
C MET A 190 0.50 10.53 3.65
N ALA A 191 0.67 11.07 4.85
CA ALA A 191 0.82 12.51 5.03
C ALA A 191 2.09 13.00 4.35
N PHE A 192 3.07 12.11 4.23
CA PHE A 192 4.32 12.45 3.57
C PHE A 192 4.12 12.58 2.06
N LEU A 193 3.40 11.63 1.47
CA LEU A 193 3.06 11.69 0.06
C LEU A 193 2.28 12.95 -0.26
N ALA A 194 1.25 13.22 0.54
CA ALA A 194 0.36 14.37 0.34
C ALA A 194 1.11 15.69 0.36
N SER A 195 2.24 15.75 1.07
CA SER A 195 3.08 16.93 1.07
C SER A 195 3.83 17.04 -0.26
N LYS A 196 3.91 15.93 -0.98
CA LYS A 196 4.61 15.92 -2.24
C LYS A 196 3.67 15.99 -3.44
N ASN A 197 2.40 16.28 -3.17
CA ASN A 197 1.38 16.28 -4.22
C ASN A 197 1.33 14.92 -4.89
N CYS A 198 1.51 13.88 -4.09
CA CYS A 198 1.58 12.52 -4.61
C CYS A 198 0.32 11.72 -4.24
N ILE A 199 -0.22 11.03 -5.24
CA ILE A 199 -1.47 10.28 -5.08
C ILE A 199 -1.27 8.80 -5.27
N HIS A 200 -1.61 8.02 -4.26
CA HIS A 200 -1.36 6.59 -4.25
C HIS A 200 -2.34 5.79 -5.11
N ARG A 201 -3.63 6.16 -5.05
CA ARG A 201 -4.69 5.54 -5.85
C ARG A 201 -4.96 4.05 -5.57
N ASP A 202 -4.34 3.48 -4.55
CA ASP A 202 -4.62 2.09 -4.14
C ASP A 202 -4.27 1.83 -2.67
N VAL A 203 -4.73 2.71 -1.79
CA VAL A 203 -4.47 2.56 -0.37
C VAL A 203 -5.25 1.38 0.18
N ALA A 204 -4.55 0.42 0.76
CA ALA A 204 -5.16 -0.77 1.35
C ALA A 204 -4.13 -1.60 2.11
N ALA A 205 -4.59 -2.47 2.99
CA ALA A 205 -3.71 -3.18 3.92
C ALA A 205 -2.77 -4.14 3.21
N ARG A 206 -3.17 -4.57 2.01
CA ARG A 206 -2.36 -5.46 1.20
C ARG A 206 -1.14 -4.75 0.61
N ASN A 207 -1.19 -3.41 0.60
CA ASN A 207 -0.09 -2.59 0.12
C ASN A 207 0.58 -1.84 1.26
N VAL A 208 0.44 -2.35 2.47
CA VAL A 208 1.11 -1.77 3.62
C VAL A 208 2.00 -2.85 4.21
N LEU A 209 3.30 -2.58 4.31
CA LEU A 209 4.27 -3.60 4.69
C LEU A 209 4.89 -3.39 6.06
N LEU A 210 5.20 -4.50 6.73
CA LEU A 210 5.73 -4.48 8.10
C LEU A 210 7.19 -4.93 8.19
N THR A 211 8.06 -4.03 8.63
CA THR A 211 9.47 -4.38 8.82
C THR A 211 9.70 -4.88 10.23
N ASN A 212 10.98 -5.05 10.58
CA ASN A 212 11.35 -5.37 11.94
C ASN A 212 10.87 -4.27 12.88
N GLY A 213 10.56 -4.64 14.11
CA GLY A 213 9.99 -3.71 15.06
C GLY A 213 8.53 -3.45 14.74
N HIS A 214 8.02 -4.15 13.73
CA HIS A 214 6.62 -4.03 13.33
C HIS A 214 6.26 -2.59 12.96
N VAL A 215 7.09 -1.99 12.12
CA VAL A 215 6.85 -0.64 11.61
C VAL A 215 6.19 -0.70 10.24
N ALA A 216 5.04 -0.03 10.10
CA ALA A 216 4.26 -0.08 8.88
C ALA A 216 4.76 0.88 7.81
N LYS A 217 4.84 0.37 6.58
CA LYS A 217 5.28 1.18 5.45
C LYS A 217 4.29 1.04 4.32
N ILE A 218 3.86 2.15 3.75
CA ILE A 218 2.94 2.08 2.63
C ILE A 218 3.69 1.85 1.32
N GLY A 219 3.29 0.81 0.57
CA GLY A 219 3.88 0.49 -0.71
C GLY A 219 2.84 0.23 -1.78
N ASP A 220 3.28 -0.29 -2.92
CA ASP A 220 2.37 -0.65 -4.01
C ASP A 220 2.93 -1.84 -4.79
N PHE A 221 2.35 -3.02 -4.58
CA PHE A 221 2.76 -4.21 -5.31
C PHE A 221 2.59 -4.07 -6.82
N GLY A 222 1.53 -3.38 -7.23
CA GLY A 222 1.30 -3.08 -8.63
C GLY A 222 1.43 -4.27 -9.58
N LEU A 223 2.51 -4.27 -10.35
CA LEU A 223 2.75 -5.33 -11.33
C LEU A 223 3.01 -6.68 -10.66
N ALA A 224 3.40 -6.65 -9.39
CA ALA A 224 3.75 -7.85 -8.63
C ALA A 224 2.53 -8.50 -7.98
N ARG A 225 1.35 -7.95 -8.24
CA ARG A 225 0.12 -8.51 -7.70
C ARG A 225 -0.71 -9.13 -8.82
N ASP A 226 -1.24 -10.32 -8.58
CA ASP A 226 -2.05 -11.00 -9.56
C ASP A 226 -3.49 -10.48 -9.53
N ILE A 227 -3.70 -9.27 -10.03
CA ILE A 227 -5.02 -8.65 -9.94
C ILE A 227 -6.00 -9.24 -10.94
N MET A 228 -5.50 -10.02 -11.89
CA MET A 228 -6.35 -10.68 -12.86
C MET A 228 -7.23 -11.71 -12.17
N ASN A 229 -6.72 -12.30 -11.09
CA ASN A 229 -7.45 -13.31 -10.34
C ASN A 229 -7.79 -12.84 -8.93
N ASP A 230 -7.53 -11.57 -8.66
CA ASP A 230 -7.80 -11.04 -7.34
C ASP A 230 -9.21 -10.48 -7.26
N SER A 231 -10.00 -11.00 -6.32
CA SER A 231 -11.41 -10.65 -6.22
C SER A 231 -11.62 -9.31 -5.52
N ASN A 232 -10.53 -8.73 -5.00
CA ASN A 232 -10.59 -7.39 -4.43
C ASN A 232 -10.52 -6.36 -5.54
N TYR A 233 -10.21 -6.83 -6.75
CA TYR A 233 -10.15 -5.99 -7.93
C TYR A 233 -11.30 -6.32 -8.86
N ILE A 234 -12.26 -5.41 -8.94
CA ILE A 234 -13.47 -5.60 -9.73
C ILE A 234 -13.31 -5.05 -11.14
N VAL A 235 -13.85 -5.77 -12.12
CA VAL A 235 -13.81 -5.33 -13.51
C VAL A 235 -14.84 -4.24 -13.80
N LYS A 236 -14.40 -2.98 -13.81
CA LYS A 236 -15.25 -1.90 -14.26
C LYS A 236 -14.72 -1.38 -15.59
N GLY A 237 -15.49 -1.57 -16.65
CA GLY A 237 -15.09 -1.15 -17.98
C GLY A 237 -13.79 -1.80 -18.43
N ASN A 238 -12.85 -0.98 -18.88
CA ASN A 238 -11.56 -1.48 -19.34
C ASN A 238 -10.66 -1.89 -18.18
N ALA A 239 -10.71 -1.11 -17.11
CA ALA A 239 -9.80 -1.29 -15.98
C ALA A 239 -10.29 -2.29 -14.95
N ARG A 240 -9.35 -2.75 -14.12
CA ARG A 240 -9.66 -3.57 -12.95
C ARG A 240 -9.32 -2.79 -11.69
N LEU A 241 -10.34 -2.41 -10.94
CA LEU A 241 -10.16 -1.46 -9.84
C LEU A 241 -10.55 -2.03 -8.48
N PRO A 242 -9.87 -1.59 -7.42
CA PRO A 242 -10.20 -1.99 -6.05
C PRO A 242 -11.40 -1.19 -5.54
N VAL A 243 -12.54 -1.43 -6.17
CA VAL A 243 -13.77 -0.65 -5.99
C VAL A 243 -14.17 -0.39 -4.54
N LYS A 244 -14.07 -1.40 -3.69
CA LYS A 244 -14.50 -1.25 -2.30
C LYS A 244 -13.67 -0.26 -1.49
N TRP A 245 -12.51 0.12 -2.02
CA TRP A 245 -11.66 1.08 -1.35
C TRP A 245 -11.80 2.48 -1.95
N MET A 246 -12.57 2.62 -3.01
CA MET A 246 -12.61 3.87 -3.77
C MET A 246 -13.68 4.89 -3.35
N ALA A 247 -13.26 6.15 -3.33
CA ALA A 247 -14.16 7.27 -3.10
C ALA A 247 -15.18 7.33 -4.23
N PRO A 248 -16.37 7.85 -3.94
CA PRO A 248 -17.46 7.86 -4.92
C PRO A 248 -17.09 8.69 -6.16
N GLU A 249 -16.34 9.76 -5.96
CA GLU A 249 -15.93 10.59 -7.08
C GLU A 249 -14.95 9.84 -7.99
N SER A 250 -14.20 8.91 -7.40
CA SER A 250 -13.24 8.12 -8.17
C SER A 250 -13.95 7.11 -9.05
N ILE A 251 -14.93 6.44 -8.47
CA ILE A 251 -15.74 5.49 -9.20
C ILE A 251 -16.47 6.15 -10.37
N PHE A 252 -17.29 7.16 -10.08
CA PHE A 252 -18.15 7.75 -11.08
C PHE A 252 -17.49 8.79 -12.00
N ASP A 253 -16.84 9.76 -11.40
CA ASP A 253 -16.21 10.83 -12.18
C ASP A 253 -14.75 10.52 -12.52
N SER A 254 -14.25 9.37 -12.06
CA SER A 254 -12.88 8.96 -12.35
C SER A 254 -11.87 9.99 -11.86
N VAL A 255 -12.18 10.59 -10.71
CA VAL A 255 -11.37 11.65 -10.15
C VAL A 255 -10.53 11.16 -8.97
N TYR A 256 -9.23 11.40 -9.03
CA TYR A 256 -8.34 10.97 -7.95
C TYR A 256 -7.60 12.15 -7.32
N THR A 257 -7.89 12.41 -6.06
CA THR A 257 -7.17 13.43 -5.30
C THR A 257 -6.56 12.81 -4.06
N VAL A 258 -5.95 13.66 -3.23
CA VAL A 258 -5.48 13.23 -1.93
C VAL A 258 -6.68 12.84 -1.07
N GLN A 259 -7.80 13.54 -1.26
CA GLN A 259 -9.00 13.25 -0.49
C GLN A 259 -9.64 11.92 -0.86
N SER A 260 -9.48 11.51 -2.11
CA SER A 260 -9.94 10.20 -2.53
C SER A 260 -9.05 9.13 -1.90
N ASP A 261 -7.81 9.51 -1.61
CA ASP A 261 -6.90 8.62 -0.90
C ASP A 261 -7.27 8.56 0.58
N VAL A 262 -7.82 9.66 1.09
CA VAL A 262 -8.22 9.71 2.49
C VAL A 262 -9.42 8.80 2.69
N TRP A 263 -10.31 8.76 1.71
CA TRP A 263 -11.43 7.84 1.74
C TRP A 263 -10.92 6.42 1.87
N SER A 264 -10.00 6.05 0.97
CA SER A 264 -9.44 4.72 0.93
C SER A 264 -8.76 4.37 2.24
N TYR A 265 -8.23 5.39 2.92
CA TYR A 265 -7.59 5.19 4.20
C TYR A 265 -8.64 4.79 5.24
N GLY A 266 -9.83 5.37 5.13
CA GLY A 266 -10.94 5.02 5.99
C GLY A 266 -11.25 3.53 5.89
N ILE A 267 -11.31 3.02 4.66
CA ILE A 267 -11.49 1.59 4.45
C ILE A 267 -10.34 0.85 5.09
N LEU A 268 -9.14 1.41 4.98
CA LEU A 268 -7.96 0.78 5.58
C LEU A 268 -8.11 0.61 7.11
N LEU A 269 -8.51 1.69 7.81
CA LEU A 269 -8.78 1.61 9.24
C LEU A 269 -9.72 0.46 9.55
N TRP A 270 -10.74 0.31 8.72
CA TRP A 270 -11.72 -0.76 8.89
C TRP A 270 -11.10 -2.15 8.80
N GLU A 271 -10.16 -2.33 7.88
CA GLU A 271 -9.48 -3.61 7.73
C GLU A 271 -8.69 -3.92 8.98
N ILE A 272 -8.03 -2.90 9.51
CA ILE A 272 -7.19 -3.08 10.69
C ILE A 272 -7.99 -3.42 11.94
N PHE A 273 -9.09 -2.73 12.18
CA PHE A 273 -9.85 -2.97 13.40
C PHE A 273 -10.89 -4.07 13.25
N SER A 274 -10.88 -4.74 12.11
CA SER A 274 -11.64 -5.97 11.96
C SER A 274 -10.66 -7.13 11.86
N LEU A 275 -9.38 -6.81 12.02
CA LEU A 275 -8.30 -7.79 11.91
C LEU A 275 -8.31 -8.50 10.56
N GLY A 276 -8.61 -7.76 9.50
CA GLY A 276 -8.46 -8.27 8.14
C GLY A 276 -9.69 -8.86 7.48
N LEU A 277 -10.87 -8.36 7.83
CA LEU A 277 -12.10 -8.76 7.15
C LEU A 277 -12.18 -8.06 5.83
N ASN A 278 -12.92 -8.62 4.88
CA ASN A 278 -13.16 -7.92 3.62
C ASN A 278 -14.19 -6.82 3.77
N PRO A 279 -13.90 -5.64 3.20
CA PRO A 279 -14.81 -4.50 3.22
C PRO A 279 -16.14 -4.88 2.58
N TYR A 280 -17.23 -4.31 3.08
CA TYR A 280 -18.58 -4.60 2.60
C TYR A 280 -18.82 -6.10 2.43
N PRO A 281 -18.56 -6.88 3.48
CA PRO A 281 -18.51 -8.35 3.37
C PRO A 281 -19.82 -8.97 2.92
N GLY A 282 -19.74 -9.82 1.90
CA GLY A 282 -20.90 -10.54 1.42
C GLY A 282 -21.65 -9.78 0.35
N ILE A 283 -21.28 -8.52 0.16
CA ILE A 283 -21.97 -7.65 -0.78
C ILE A 283 -21.33 -7.66 -2.16
N LEU A 284 -22.11 -8.06 -3.16
CA LEU A 284 -21.68 -8.07 -4.54
C LEU A 284 -21.61 -6.64 -5.07
N VAL A 285 -20.52 -6.33 -5.77
CA VAL A 285 -20.37 -5.05 -6.42
C VAL A 285 -21.25 -5.01 -7.66
N ASN A 286 -22.35 -4.27 -7.55
CA ASN A 286 -23.27 -4.12 -8.65
C ASN A 286 -23.87 -2.73 -8.62
N SER A 287 -24.87 -2.50 -9.48
CA SER A 287 -25.54 -1.22 -9.56
C SER A 287 -26.05 -0.77 -8.20
N LYS A 288 -26.59 -1.72 -7.44
CA LYS A 288 -27.11 -1.40 -6.11
C LYS A 288 -25.99 -0.92 -5.21
N PHE A 289 -24.82 -1.53 -5.32
CA PHE A 289 -23.69 -1.18 -4.47
C PHE A 289 -23.14 0.20 -4.79
N TYR A 290 -23.13 0.55 -6.06
CA TYR A 290 -22.70 1.89 -6.45
C TYR A 290 -23.68 2.93 -5.92
N LYS A 291 -24.98 2.68 -6.09
CA LYS A 291 -26.00 3.60 -5.60
C LYS A 291 -25.87 3.78 -4.10
N LEU A 292 -25.60 2.70 -3.38
CA LEU A 292 -25.55 2.74 -1.92
C LEU A 292 -24.45 3.66 -1.45
N VAL A 293 -23.27 3.48 -2.02
CA VAL A 293 -22.11 4.29 -1.65
C VAL A 293 -22.37 5.77 -1.97
N LYS A 294 -23.00 6.00 -3.12
CA LYS A 294 -23.31 7.34 -3.56
C LYS A 294 -24.29 8.02 -2.62
N ASP A 295 -25.16 7.22 -2.00
CA ASP A 295 -26.20 7.74 -1.11
C ASP A 295 -25.79 7.75 0.37
N GLY A 296 -24.50 7.56 0.64
CA GLY A 296 -24.00 7.65 1.99
C GLY A 296 -24.04 6.37 2.81
N TYR A 297 -24.06 5.22 2.13
CA TYR A 297 -23.99 3.96 2.85
C TYR A 297 -22.55 3.74 3.35
N GLN A 298 -22.42 3.49 4.64
CA GLN A 298 -21.14 3.24 5.28
C GLN A 298 -21.20 1.93 6.00
N MET A 299 -20.04 1.28 6.13
CA MET A 299 -19.94 0.04 6.88
C MET A 299 -20.25 0.30 8.35
N ALA A 300 -20.50 -0.78 9.07
CA ALA A 300 -20.79 -0.71 10.50
C ALA A 300 -19.48 -0.68 11.26
N GLN A 301 -19.55 -0.31 12.53
CA GLN A 301 -18.37 -0.29 13.38
C GLN A 301 -17.74 -1.68 13.45
N PRO A 302 -16.42 -1.77 13.27
CA PRO A 302 -15.70 -3.04 13.37
C PRO A 302 -15.65 -3.50 14.81
N ALA A 303 -15.33 -4.78 15.03
CA ALA A 303 -15.40 -5.36 16.36
C ALA A 303 -14.43 -4.73 17.35
N PHE A 304 -13.30 -4.25 16.85
CA PHE A 304 -12.18 -3.87 17.70
C PHE A 304 -11.86 -2.38 17.66
N ALA A 305 -12.72 -1.61 17.01
CA ALA A 305 -12.55 -0.16 16.97
C ALA A 305 -13.21 0.51 18.17
N PRO A 306 -12.47 1.37 18.86
CA PRO A 306 -13.09 2.28 19.82
C PRO A 306 -14.02 3.20 19.06
N LYS A 307 -15.00 3.81 19.70
CA LYS A 307 -15.97 4.58 18.94
C LYS A 307 -15.34 5.81 18.28
N ASN A 308 -14.33 6.38 18.92
CA ASN A 308 -13.68 7.55 18.33
C ASN A 308 -12.87 7.23 17.08
N ILE A 309 -12.43 5.97 16.97
CA ILE A 309 -11.71 5.47 15.79
C ILE A 309 -12.67 5.21 14.64
N TYR A 310 -13.81 4.62 14.95
CA TYR A 310 -14.89 4.46 13.98
C TYR A 310 -15.44 5.82 13.59
N SER A 311 -15.38 6.77 14.50
CA SER A 311 -15.80 8.13 14.19
C SER A 311 -14.89 8.70 13.11
N ILE A 312 -13.59 8.45 13.23
CA ILE A 312 -12.67 8.95 12.23
C ILE A 312 -12.84 8.24 10.89
N MET A 313 -13.22 6.95 10.92
CA MET A 313 -13.56 6.23 9.70
C MET A 313 -14.69 6.94 8.95
N GLN A 314 -15.74 7.29 9.68
CA GLN A 314 -16.89 7.98 9.12
C GLN A 314 -16.52 9.33 8.52
N ALA A 315 -15.56 10.02 9.14
CA ALA A 315 -15.13 11.31 8.62
C ALA A 315 -14.40 11.16 7.28
N CYS A 316 -13.64 10.07 7.16
CA CYS A 316 -12.97 9.75 5.90
C CYS A 316 -13.97 9.47 4.81
N TRP A 317 -15.15 9.01 5.20
CA TRP A 317 -16.17 8.64 4.23
C TRP A 317 -17.18 9.75 3.97
N ALA A 318 -16.80 10.99 4.28
CA ALA A 318 -17.61 12.13 3.90
C ALA A 318 -17.83 12.09 2.39
N LEU A 319 -19.07 12.27 1.95
CA LEU A 319 -19.36 12.25 0.53
C LEU A 319 -18.73 13.44 -0.18
N GLU A 320 -18.48 14.51 0.58
CA GLU A 320 -17.78 15.67 0.08
C GLU A 320 -16.28 15.55 0.37
N PRO A 321 -15.44 15.55 -0.68
CA PRO A 321 -14.00 15.33 -0.57
C PRO A 321 -13.29 16.32 0.36
N THR A 322 -13.73 17.57 0.32
CA THR A 322 -13.13 18.65 1.09
C THR A 322 -13.55 18.63 2.56
N HIS A 323 -14.58 17.85 2.88
CA HIS A 323 -15.04 17.74 4.26
C HIS A 323 -14.28 16.65 5.02
N ARG A 324 -13.57 15.79 4.30
CA ARG A 324 -12.75 14.73 4.89
C ARG A 324 -11.50 15.30 5.55
N PRO A 325 -10.96 14.61 6.57
CA PRO A 325 -9.77 15.12 7.27
C PRO A 325 -8.54 15.14 6.38
N THR A 326 -7.55 15.93 6.76
CA THR A 326 -6.24 15.87 6.14
C THR A 326 -5.44 14.75 6.82
N PHE A 327 -4.47 14.18 6.12
CA PHE A 327 -3.69 13.09 6.68
C PHE A 327 -2.91 13.54 7.91
N GLN A 328 -2.52 14.82 7.93
CA GLN A 328 -1.86 15.37 9.10
C GLN A 328 -2.82 15.40 10.28
N GLN A 329 -4.07 15.77 10.02
CA GLN A 329 -5.06 15.77 11.10
C GLN A 329 -5.17 14.38 11.67
N ILE A 330 -5.27 13.40 10.78
CA ILE A 330 -5.41 12.02 11.20
C ILE A 330 -4.18 11.55 11.97
N THR A 331 -3.02 12.00 11.52
CA THR A 331 -1.76 11.59 12.13
C THR A 331 -1.67 12.06 13.57
N SER A 332 -1.88 13.36 13.79
CA SER A 332 -1.73 13.94 15.13
C SER A 332 -2.75 13.37 16.11
N PHE A 333 -3.93 13.04 15.61
CA PHE A 333 -4.94 12.41 16.43
C PHE A 333 -4.54 10.99 16.80
N LEU A 334 -4.14 10.22 15.80
CA LEU A 334 -3.73 8.84 16.02
C LEU A 334 -2.47 8.73 16.88
N GLN A 335 -1.52 9.62 16.64
CA GLN A 335 -0.28 9.63 17.43
C GLN A 335 -0.62 9.76 18.91
N GLU A 336 -1.61 10.61 19.21
CA GLU A 336 -2.06 10.85 20.58
C GLU A 336 -2.69 9.61 21.21
N GLN A 337 -3.49 8.90 20.43
CA GLN A 337 -4.15 7.70 20.91
C GLN A 337 -3.14 6.58 21.20
N ALA A 338 -2.15 6.45 20.33
CA ALA A 338 -1.12 5.43 20.51
C ALA A 338 -0.22 5.74 21.70
C1 64M B . 7.98 -8.43 1.40
C2 64M B . 9.06 -7.96 2.11
N4 64M B . 9.65 -6.78 1.91
C5 64M B . 7.45 -7.66 0.42
N7 64M B . 9.48 -4.84 0.55
C9 64M B . 8.68 -4.41 -0.45
C11 64M B . 7.75 -5.37 -0.71
C12 64M B . 8.02 -6.43 0.19
C13 64M B . 9.09 -6.07 0.95
O14 64M B . 7.33 -9.59 1.52
C15 64M B . 6.67 -5.36 -1.73
C18 64M B . 6.90 -4.10 -2.47
C19 64M B . 6.04 -3.05 -2.43
N21 64M B . 6.20 -1.90 -3.07
C22 64M B . 7.29 -1.75 -3.81
C23 64M B . 8.22 -2.75 -3.92
C25 64M B . 8.01 -3.94 -3.25
C27 64M B . 6.29 -9.64 0.59
N31 64M B . 7.52 -0.59 -4.50
C33 64M B . 6.42 0.01 -5.19
C36 64M B . 6.09 1.26 -4.46
C37 64M B . 6.45 1.40 -3.14
C39 64M B . 6.15 2.57 -2.47
C41 64M B . 5.48 3.60 -3.10
C42 64M B . 5.13 3.45 -4.43
C44 64M B . 5.43 2.28 -5.11
C46 64M B . 5.15 4.85 -2.40
F47 64M B . 4.39 5.68 -3.10
F48 64M B . 4.48 4.69 -1.28
F49 64M B . 6.21 5.56 -2.04
#